data_6BTZ
#
_entry.id   6BTZ
#
_cell.length_a   105.346
_cell.length_b   61.546
_cell.length_c   90.496
_cell.angle_alpha   90.000
_cell.angle_beta   92.580
_cell.angle_gamma   90.000
#
_symmetry.space_group_name_H-M   'C 1 2 1'
#
loop_
_entity.id
_entity.type
_entity.pdbx_description
1 polymer 'Phosphatidylinositol 4-phosphate 3-kinase C2 domain-containing subunit alpha'
2 non-polymer 'SULFATE ION'
3 non-polymer 1,4,7,10,13,16-HEXAOXACYCLOOCTADECANE
4 non-polymer GLYCEROL
5 water water
#
_entity_poly.entity_id   1
_entity_poly.type   'polypeptide(L)'
_entity_poly.pdbx_seq_one_letter_code
;SNAIGGAVKLSISYRNGTLFIMVMHIKDLVTEDGADPNPYVKTYLLPDNHKTSKRKTKISRKTRNPTFNEMLVYSGYSKE
TLRQRELQLSVLSAESLRENFFLGGVTLPLKDFNLSKETVKWYQLTAATYL
;
_entity_poly.pdbx_strand_id   A,B,C,D
#
# COMPACT_ATOMS: atom_id res chain seq x y z
N ILE A 4 10.80 7.89 13.16
CA ILE A 4 9.54 7.15 13.26
C ILE A 4 9.43 6.07 12.19
N GLY A 5 9.17 4.84 12.62
CA GLY A 5 8.97 3.73 11.72
C GLY A 5 8.81 2.42 12.48
N GLY A 6 8.58 1.34 11.75
CA GLY A 6 8.48 0.04 12.38
C GLY A 6 7.03 -0.41 12.49
N ALA A 7 6.82 -1.58 13.09
CA ALA A 7 5.50 -2.16 13.14
C ALA A 7 5.35 -2.99 14.41
N VAL A 8 4.14 -2.99 14.98
CA VAL A 8 3.88 -3.76 16.18
C VAL A 8 2.85 -4.85 15.94
N LYS A 9 3.11 -6.02 16.51
CA LYS A 9 2.19 -7.14 16.38
C LYS A 9 1.39 -7.24 17.68
N LEU A 10 0.08 -7.16 17.54
CA LEU A 10 -0.83 -7.22 18.69
C LEU A 10 -1.83 -8.34 18.55
N SER A 11 -2.24 -8.89 19.69
CA SER A 11 -3.38 -9.81 19.73
C SER A 11 -4.40 -9.15 20.64
N ILE A 12 -5.62 -9.01 20.13
CA ILE A 12 -6.65 -8.27 20.84
C ILE A 12 -7.89 -9.13 20.96
N SER A 13 -8.42 -9.25 22.17
CA SER A 13 -9.61 -10.06 22.39
C SER A 13 -10.35 -9.54 23.61
N TYR A 14 -11.52 -10.10 23.83
CA TYR A 14 -12.38 -9.65 24.91
C TYR A 14 -13.08 -10.87 25.46
N ARG A 15 -13.01 -11.05 26.78
CA ARG A 15 -13.74 -12.14 27.42
C ARG A 15 -14.09 -11.72 28.84
N ASN A 16 -15.25 -12.14 29.32
CA ASN A 16 -15.67 -11.88 30.70
C ASN A 16 -15.57 -10.42 31.11
N GLY A 17 -16.02 -9.50 30.25
CA GLY A 17 -16.04 -8.10 30.58
C GLY A 17 -14.67 -7.45 30.61
N THR A 18 -13.66 -8.14 30.07
CA THR A 18 -12.29 -7.65 30.09
C THR A 18 -11.65 -7.63 28.70
N LEU A 19 -10.96 -6.53 28.38
CA LEU A 19 -10.30 -6.37 27.10
C LEU A 19 -8.84 -6.78 27.26
N PHE A 20 -8.37 -7.68 26.40
CA PHE A 20 -7.00 -8.15 26.49
C PHE A 20 -6.19 -7.68 25.30
N ILE A 21 -5.10 -6.95 25.58
CA ILE A 21 -4.19 -6.52 24.53
C ILE A 21 -2.83 -7.15 24.73
N MET A 22 -2.53 -8.13 23.90
CA MET A 22 -1.25 -8.79 23.96
C MET A 22 -0.25 -8.10 23.03
N VAL A 23 0.73 -7.43 23.62
CA VAL A 23 1.85 -6.86 22.87
C VAL A 23 2.85 -7.96 22.62
N MET A 24 3.01 -8.36 21.37
CA MET A 24 3.82 -9.53 21.09
C MET A 24 5.25 -9.08 20.80
N HIS A 25 5.49 -8.47 19.65
CA HIS A 25 6.80 -7.89 19.41
C HIS A 25 6.73 -6.73 18.43
N ILE A 26 7.85 -6.02 18.30
CA ILE A 26 7.95 -4.88 17.41
C ILE A 26 9.16 -5.12 16.50
N LYS A 27 9.06 -4.73 15.24
CA LYS A 27 10.22 -4.78 14.35
C LYS A 27 10.55 -3.40 13.78
N ASP A 28 11.84 -3.19 13.53
CA ASP A 28 12.34 -2.04 12.78
C ASP A 28 12.05 -0.67 13.38
N LEU A 29 12.30 -0.50 14.68
CA LEU A 29 12.27 0.82 15.27
C LEU A 29 13.47 1.63 14.79
N VAL A 30 13.33 2.95 14.71
CA VAL A 30 14.44 3.80 14.29
C VAL A 30 14.60 4.95 15.27
N THR A 31 15.84 5.44 15.42
CA THR A 31 16.09 6.65 16.19
C THR A 31 16.84 7.67 15.34
N GLU A 32 16.67 8.95 15.66
CA GLU A 32 17.26 10.00 14.83
C GLU A 32 18.79 10.03 14.92
N ASP A 33 19.34 9.65 16.06
CA ASP A 33 20.80 9.73 16.24
C ASP A 33 21.49 8.37 16.06
N GLY A 34 20.70 7.33 15.81
CA GLY A 34 21.26 6.03 15.47
C GLY A 34 21.66 5.15 16.64
N ALA A 35 21.37 5.60 17.85
CA ALA A 35 21.63 4.79 19.04
C ALA A 35 20.46 3.86 19.33
N ASP A 36 20.74 2.67 19.88
CA ASP A 36 19.70 1.71 20.22
C ASP A 36 18.79 2.26 21.32
N PRO A 37 17.48 2.25 21.07
CA PRO A 37 16.51 2.71 22.06
C PRO A 37 16.25 1.66 23.14
N ASN A 38 15.47 2.03 24.16
CA ASN A 38 15.03 1.11 25.21
C ASN A 38 13.50 1.12 25.22
N PRO A 39 12.90 0.46 24.22
CA PRO A 39 11.46 0.60 24.01
C PRO A 39 10.57 -0.01 25.09
N TYR A 40 9.50 0.70 25.36
CA TYR A 40 8.35 0.11 26.06
C TYR A 40 7.10 0.61 25.37
N VAL A 41 6.00 -0.12 25.56
CA VAL A 41 4.73 0.22 24.95
C VAL A 41 3.78 0.71 26.02
N LYS A 42 3.09 1.81 25.73
CA LYS A 42 2.11 2.42 26.64
C LYS A 42 0.78 2.56 25.89
N THR A 43 -0.32 2.20 26.53
CA THR A 43 -1.61 2.35 25.89
C THR A 43 -2.56 3.14 26.78
N TYR A 44 -3.46 3.88 26.12
CA TYR A 44 -4.59 4.55 26.74
C TYR A 44 -5.87 4.13 26.04
N LEU A 45 -7.00 4.22 26.74
CA LEU A 45 -8.32 4.08 26.12
C LEU A 45 -8.98 5.43 26.12
N LEU A 46 -9.16 6.03 24.96
CA LEU A 46 -9.60 7.43 24.86
C LEU A 46 -11.00 7.55 24.25
N PRO A 47 -11.82 8.48 24.77
CA PRO A 47 -11.58 9.39 25.90
C PRO A 47 -11.52 8.67 27.25
N ASP A 48 -10.78 9.26 28.18
CA ASP A 48 -10.50 8.64 29.47
C ASP A 48 -11.11 9.50 30.58
N ASN A 49 -12.43 9.43 30.76
CA ASN A 49 -13.17 10.26 31.71
C ASN A 49 -12.48 10.40 33.08
N HIS A 50 -12.14 9.27 33.68
CA HIS A 50 -11.57 9.26 35.03
C HIS A 50 -10.04 9.30 35.06
N LYS A 51 -9.41 9.35 33.89
CA LYS A 51 -7.95 9.36 33.78
CA LYS A 51 -7.95 9.36 33.78
C LYS A 51 -7.34 8.16 34.51
N THR A 52 -7.76 6.96 34.14
CA THR A 52 -7.27 5.75 34.79
C THR A 52 -6.75 4.68 33.81
N SER A 53 -6.65 5.02 32.53
CA SER A 53 -6.45 3.98 31.52
C SER A 53 -5.01 3.74 31.07
N LYS A 54 -4.03 4.38 31.71
CA LYS A 54 -2.64 4.11 31.30
C LYS A 54 -2.24 2.67 31.63
N ARG A 55 -1.74 1.94 30.62
CA ARG A 55 -1.13 0.63 30.85
C ARG A 55 0.21 0.64 30.14
N LYS A 56 1.19 -0.08 30.66
CA LYS A 56 2.45 -0.21 29.90
C LYS A 56 3.18 -1.50 30.16
N THR A 57 4.03 -1.87 29.20
CA THR A 57 4.88 -3.04 29.27
C THR A 57 6.15 -2.76 30.04
N LYS A 58 6.95 -3.81 30.25
CA LYS A 58 8.31 -3.62 30.72
CA LYS A 58 8.32 -3.63 30.72
C LYS A 58 9.13 -2.90 29.66
N ILE A 59 10.28 -2.38 30.08
CA ILE A 59 11.25 -1.86 29.14
C ILE A 59 12.04 -3.02 28.54
N SER A 60 12.22 -3.02 27.22
CA SER A 60 13.14 -3.94 26.58
C SER A 60 14.40 -3.17 26.21
N ARG A 61 15.54 -3.53 26.79
CA ARG A 61 16.69 -2.63 26.70
C ARG A 61 17.57 -2.84 25.45
N LYS A 62 18.03 -1.72 24.89
CA LYS A 62 19.02 -1.71 23.82
C LYS A 62 18.64 -2.57 22.62
N THR A 63 17.46 -2.33 22.05
CA THR A 63 17.03 -3.09 20.89
C THR A 63 16.08 -2.28 20.02
N ARG A 64 16.15 -2.52 18.71
CA ARG A 64 15.21 -1.93 17.78
C ARG A 64 14.12 -2.93 17.39
N ASN A 65 14.24 -4.15 17.91
CA ASN A 65 13.29 -5.22 17.63
C ASN A 65 12.90 -5.96 18.91
N PRO A 66 12.20 -5.27 19.81
CA PRO A 66 11.87 -5.89 21.10
C PRO A 66 10.78 -6.97 21.02
N THR A 67 10.94 -8.03 21.82
CA THR A 67 9.85 -8.97 22.07
C THR A 67 9.33 -8.74 23.49
N PHE A 68 8.02 -8.56 23.64
CA PHE A 68 7.44 -8.32 24.98
C PHE A 68 6.64 -9.52 25.48
N ASN A 69 5.77 -10.03 24.60
CA ASN A 69 4.79 -11.05 24.98
C ASN A 69 4.16 -10.68 26.32
N GLU A 70 3.68 -9.46 26.40
CA GLU A 70 3.03 -8.97 27.61
C GLU A 70 1.59 -8.64 27.35
N MET A 71 0.76 -8.92 28.34
CA MET A 71 -0.67 -8.71 28.24
C MET A 71 -1.08 -7.45 28.99
N LEU A 72 -1.68 -6.50 28.28
CA LEU A 72 -2.19 -5.31 28.91
C LEU A 72 -3.69 -5.55 29.11
N VAL A 73 -4.19 -5.23 30.29
CA VAL A 73 -5.55 -5.61 30.65
C VAL A 73 -6.40 -4.39 30.97
N TYR A 74 -7.60 -4.35 30.38
CA TYR A 74 -8.60 -3.33 30.68
C TYR A 74 -9.89 -3.98 31.20
N SER A 75 -10.11 -3.88 32.51
CA SER A 75 -11.27 -4.52 33.14
C SER A 75 -12.43 -3.56 33.34
N GLY A 76 -13.64 -4.11 33.35
CA GLY A 76 -14.82 -3.34 33.76
C GLY A 76 -15.46 -2.55 32.64
N TYR A 77 -15.06 -2.84 31.41
CA TYR A 77 -15.66 -2.19 30.25
C TYR A 77 -16.61 -3.14 29.53
N SER A 78 -17.79 -2.65 29.17
CA SER A 78 -18.67 -3.37 28.27
C SER A 78 -18.20 -3.15 26.82
N LYS A 79 -18.59 -4.04 25.90
CA LYS A 79 -18.23 -3.82 24.49
C LYS A 79 -18.87 -2.54 23.97
N GLU A 80 -20.08 -2.23 24.45
CA GLU A 80 -20.78 -0.99 24.07
C GLU A 80 -19.93 0.22 24.35
N THR A 81 -19.34 0.25 25.52
CA THR A 81 -18.48 1.34 25.91
C THR A 81 -17.20 1.34 25.08
N LEU A 82 -16.60 0.17 24.92
CA LEU A 82 -15.38 0.02 24.13
C LEU A 82 -15.55 0.49 22.68
N ARG A 83 -16.72 0.27 22.10
CA ARG A 83 -16.91 0.73 20.72
C ARG A 83 -16.97 2.25 20.64
N GLN A 84 -17.04 2.92 21.79
CA GLN A 84 -16.99 4.38 21.87
CA GLN A 84 -17.00 4.38 21.85
C GLN A 84 -15.61 4.85 22.32
N ARG A 85 -14.62 3.98 22.20
CA ARG A 85 -13.26 4.31 22.63
C ARG A 85 -12.27 3.99 21.52
N GLU A 86 -11.10 4.57 21.61
CA GLU A 86 -10.00 4.26 20.76
C GLU A 86 -8.79 3.84 21.60
N LEU A 87 -8.05 2.86 21.12
CA LEU A 87 -6.87 2.46 21.83
C LEU A 87 -5.70 3.25 21.26
N GLN A 88 -5.07 4.08 22.08
CA GLN A 88 -3.92 4.86 21.65
C GLN A 88 -2.66 4.20 22.15
N LEU A 89 -1.88 3.67 21.21
CA LEU A 89 -0.68 2.95 21.55
C LEU A 89 0.54 3.79 21.21
N SER A 90 1.45 3.91 22.16
CA SER A 90 2.71 4.65 21.98
C SER A 90 3.89 3.74 22.25
N VAL A 91 4.93 3.86 21.44
CA VAL A 91 6.18 3.21 21.74
C VAL A 91 7.17 4.31 22.10
N LEU A 92 7.77 4.22 23.29
CA LEU A 92 8.75 5.23 23.71
C LEU A 92 10.03 4.57 24.13
N SER A 93 11.12 5.33 24.09
CA SER A 93 12.37 4.83 24.63
C SER A 93 12.55 5.32 26.06
N ALA A 94 12.79 4.39 26.98
CA ALA A 94 13.11 4.78 28.36
C ALA A 94 14.54 5.31 28.40
N GLU A 95 14.70 6.55 28.84
CA GLU A 95 16.03 7.15 28.94
C GLU A 95 16.31 7.65 30.34
N SER A 96 17.52 7.44 30.81
CA SER A 96 17.86 7.80 32.18
C SER A 96 18.52 9.19 32.27
N LEU A 97 19.08 9.66 31.16
CA LEU A 97 19.84 10.93 31.19
C LEU A 97 19.23 12.00 30.29
N ARG A 98 18.13 11.65 29.65
CA ARG A 98 17.39 12.60 28.82
C ARG A 98 15.91 12.23 28.89
N GLU A 99 15.06 13.02 28.26
CA GLU A 99 13.62 12.73 28.28
C GLU A 99 13.32 11.42 27.55
N ASN A 100 12.38 10.64 28.08
CA ASN A 100 11.86 9.51 27.31
C ASN A 100 11.35 10.08 25.99
N PHE A 101 11.60 9.40 24.89
CA PHE A 101 11.15 9.99 23.63
C PHE A 101 10.38 9.02 22.77
N PHE A 102 9.54 9.60 21.92
CA PHE A 102 8.55 8.90 21.10
C PHE A 102 9.20 8.17 19.92
N LEU A 103 8.88 6.89 19.78
CA LEU A 103 9.45 6.09 18.69
C LEU A 103 8.40 5.79 17.63
N GLY A 104 7.13 6.00 17.98
CA GLY A 104 6.06 5.77 17.02
C GLY A 104 4.81 5.26 17.72
N GLY A 105 3.67 5.44 17.08
CA GLY A 105 2.44 4.93 17.64
C GLY A 105 1.37 4.62 16.62
N VAL A 106 0.22 4.21 17.13
CA VAL A 106 -0.93 3.90 16.29
C VAL A 106 -2.17 4.06 17.15
N THR A 107 -3.22 4.60 16.56
CA THR A 107 -4.49 4.73 17.23
C THR A 107 -5.52 3.86 16.55
N LEU A 108 -6.21 3.05 17.34
CA LEU A 108 -7.12 2.03 16.81
C LEU A 108 -8.50 2.16 17.41
N PRO A 109 -9.48 2.64 16.61
CA PRO A 109 -10.88 2.62 17.05
C PRO A 109 -11.31 1.20 17.35
N LEU A 110 -11.84 0.97 18.54
CA LEU A 110 -12.12 -0.39 18.95
C LEU A 110 -13.38 -0.94 18.26
N LYS A 111 -14.19 -0.06 17.68
CA LYS A 111 -15.41 -0.51 17.00
C LYS A 111 -15.06 -1.33 15.76
N ASP A 112 -13.83 -1.18 15.26
CA ASP A 112 -13.39 -1.87 14.06
C ASP A 112 -13.04 -3.34 14.30
N PHE A 113 -12.95 -3.74 15.55
CA PHE A 113 -12.66 -5.13 15.88
C PHE A 113 -13.90 -6.00 16.04
N ASN A 114 -13.72 -7.27 15.71
CA ASN A 114 -14.66 -8.29 16.09
C ASN A 114 -14.22 -8.75 17.47
N LEU A 115 -14.85 -8.22 18.52
CA LEU A 115 -14.43 -8.57 19.87
C LEU A 115 -15.04 -9.89 20.34
N SER A 116 -15.62 -10.64 19.40
CA SER A 116 -16.09 -11.98 19.73
C SER A 116 -15.05 -13.02 19.33
N LYS A 117 -13.95 -12.55 18.74
CA LYS A 117 -12.86 -13.45 18.39
C LYS A 117 -11.54 -12.82 18.80
N GLU A 118 -10.45 -13.55 18.60
CA GLU A 118 -9.12 -12.99 18.83
C GLU A 118 -8.59 -12.47 17.52
N THR A 119 -8.16 -11.21 17.49
CA THR A 119 -7.63 -10.61 16.28
C THR A 119 -6.13 -10.42 16.41
N VAL A 120 -5.34 -11.13 15.60
CA VAL A 120 -3.89 -11.00 15.65
C VAL A 120 -3.44 -10.31 14.38
N LYS A 121 -2.71 -9.21 14.51
CA LYS A 121 -2.43 -8.41 13.34
C LYS A 121 -1.23 -7.47 13.55
N TRP A 122 -0.57 -7.09 12.46
CA TRP A 122 0.53 -6.13 12.47
C TRP A 122 0.02 -4.73 12.19
N TYR A 123 0.55 -3.75 12.92
CA TYR A 123 0.17 -2.37 12.71
C TYR A 123 1.41 -1.52 12.46
N GLN A 124 1.35 -0.68 11.44
CA GLN A 124 2.44 0.24 11.14
C GLN A 124 2.44 1.41 12.13
N LEU A 125 3.61 1.70 12.68
CA LEU A 125 3.76 2.84 13.60
C LEU A 125 3.95 4.14 12.83
N THR A 126 3.31 5.21 13.29
CA THR A 126 3.38 6.50 12.62
C THR A 126 3.62 7.62 13.64
N ALA A 127 3.69 8.85 13.16
CA ALA A 127 4.00 9.99 14.02
C ALA A 127 2.77 10.52 14.77
N ALA A 128 2.80 11.81 15.09
CA ALA A 128 1.75 12.48 15.87
C ALA A 128 0.32 12.09 15.46
N ILE B 4 15.09 4.20 -9.81
CA ILE B 4 15.13 5.53 -9.21
C ILE B 4 16.48 6.21 -9.45
N GLY B 5 16.46 7.46 -9.92
CA GLY B 5 17.68 8.21 -10.08
C GLY B 5 17.44 9.63 -10.58
N GLY B 6 18.52 10.39 -10.72
CA GLY B 6 18.41 11.74 -11.22
C GLY B 6 18.62 12.76 -10.13
N ALA B 7 18.51 14.02 -10.50
CA ALA B 7 18.76 15.09 -9.54
C ALA B 7 17.94 16.29 -9.95
N VAL B 8 17.57 17.11 -8.97
CA VAL B 8 16.74 18.27 -9.26
C VAL B 8 17.42 19.52 -8.73
N LYS B 9 17.38 20.58 -9.53
CA LYS B 9 17.93 21.86 -9.10
C LYS B 9 16.82 22.74 -8.53
N LEU B 10 16.95 23.16 -7.28
CA LEU B 10 15.97 24.04 -6.64
C LEU B 10 16.58 25.33 -6.14
N SER B 11 15.84 26.43 -6.25
CA SER B 11 16.21 27.66 -5.59
C SER B 11 15.18 27.94 -4.50
N ILE B 12 15.64 28.09 -3.26
CA ILE B 12 14.73 28.21 -2.12
C ILE B 12 15.02 29.51 -1.35
N SER B 13 13.97 30.27 -1.09
CA SER B 13 14.10 31.54 -0.41
C SER B 13 12.80 31.89 0.29
N TYR B 14 12.84 32.94 1.09
CA TYR B 14 11.71 33.31 1.92
C TYR B 14 11.72 34.81 2.08
N ARG B 15 10.59 35.45 1.81
CA ARG B 15 10.47 36.90 1.90
C ARG B 15 9.01 37.26 2.19
N ASN B 16 8.79 38.23 3.09
CA ASN B 16 7.45 38.73 3.37
C ASN B 16 6.46 37.63 3.75
N GLY B 17 6.86 36.75 4.65
CA GLY B 17 6.03 35.66 5.10
C GLY B 17 5.77 34.58 4.06
N THR B 18 6.48 34.62 2.94
CA THR B 18 6.22 33.69 1.85
C THR B 18 7.44 32.83 1.51
N LEU B 19 7.23 31.52 1.37
CA LEU B 19 8.28 30.60 0.97
C LEU B 19 8.20 30.37 -0.53
N PHE B 20 9.32 30.61 -1.23
CA PHE B 20 9.40 30.47 -2.67
C PHE B 20 10.29 29.28 -3.03
N ILE B 21 9.72 28.30 -3.73
CA ILE B 21 10.49 27.17 -4.25
C ILE B 21 10.55 27.25 -5.76
N MET B 22 11.69 27.65 -6.31
CA MET B 22 11.87 27.67 -7.76
C MET B 22 12.36 26.32 -8.25
N VAL B 23 11.52 25.61 -8.99
CA VAL B 23 11.92 24.34 -9.59
C VAL B 23 12.57 24.63 -10.93
N MET B 24 13.89 24.46 -11.00
CA MET B 24 14.63 24.89 -12.17
C MET B 24 14.66 23.80 -13.24
N HIS B 25 15.46 22.76 -13.06
CA HIS B 25 15.38 21.64 -13.98
C HIS B 25 15.85 20.37 -13.32
N ILE B 26 15.71 19.27 -14.05
CA ILE B 26 16.04 17.94 -13.56
C ILE B 26 16.92 17.23 -14.57
N LYS B 27 17.89 16.45 -14.09
CA LYS B 27 18.73 15.65 -14.98
CA LYS B 27 18.68 15.64 -15.01
C LYS B 27 18.60 14.16 -14.67
N ASP B 28 18.74 13.34 -15.71
CA ASP B 28 18.93 11.90 -15.57
C ASP B 28 17.83 11.13 -14.84
N LEU B 29 16.57 11.44 -15.12
CA LEU B 29 15.47 10.62 -14.60
C LEU B 29 15.55 9.21 -15.17
N VAL B 30 15.13 8.23 -14.37
CA VAL B 30 15.03 6.83 -14.80
C VAL B 30 13.62 6.52 -15.29
N THR B 31 13.50 5.54 -16.17
CA THR B 31 12.25 5.31 -16.87
C THR B 31 11.49 4.11 -16.35
N GLU B 32 10.19 4.09 -16.66
CA GLU B 32 9.35 2.91 -16.46
C GLU B 32 9.58 1.95 -17.61
N ASP B 33 10.46 0.97 -17.44
CA ASP B 33 10.71 -0.04 -18.47
C ASP B 33 11.16 0.58 -19.80
N GLY B 34 11.98 1.62 -19.74
CA GLY B 34 12.51 2.24 -20.95
C GLY B 34 11.61 3.25 -21.65
N ALA B 35 10.39 3.42 -21.15
CA ALA B 35 9.43 4.33 -21.79
C ALA B 35 9.76 5.79 -21.50
N ASP B 36 9.55 6.67 -22.48
CA ASP B 36 9.76 8.11 -22.26
C ASP B 36 8.82 8.60 -21.18
N PRO B 37 9.36 9.20 -20.11
CA PRO B 37 8.45 9.72 -19.09
C PRO B 37 7.89 11.11 -19.43
N ASN B 38 6.81 11.49 -18.73
CA ASN B 38 6.22 12.82 -18.84
C ASN B 38 6.23 13.49 -17.46
N PRO B 39 7.41 13.93 -17.03
CA PRO B 39 7.60 14.37 -15.63
C PRO B 39 6.89 15.67 -15.25
N TYR B 40 6.39 15.67 -14.02
CA TYR B 40 5.98 16.89 -13.34
C TYR B 40 6.46 16.77 -11.90
N VAL B 41 6.58 17.91 -11.23
CA VAL B 41 7.08 17.91 -9.87
C VAL B 41 5.92 18.29 -8.97
N LYS B 42 5.80 17.60 -7.85
CA LYS B 42 4.76 17.86 -6.87
C LYS B 42 5.38 18.01 -5.52
N THR B 43 5.00 19.03 -4.75
CA THR B 43 5.57 19.22 -3.44
C THR B 43 4.49 19.31 -2.35
N TYR B 44 4.85 18.87 -1.16
CA TYR B 44 4.05 19.09 0.04
C TYR B 44 4.91 19.72 1.12
N LEU B 45 4.26 20.37 2.08
CA LEU B 45 4.94 20.85 3.27
C LEU B 45 4.39 20.04 4.43
N LEU B 46 5.23 19.19 5.02
CA LEU B 46 4.73 18.23 6.01
C LEU B 46 5.35 18.49 7.38
N PRO B 47 4.53 18.35 8.45
CA PRO B 47 3.11 17.94 8.41
C PRO B 47 2.15 18.98 7.84
N ASP B 48 1.10 18.50 7.19
CA ASP B 48 0.12 19.34 6.53
C ASP B 48 -1.25 19.08 7.14
N ASN B 49 -1.52 19.65 8.31
CA ASN B 49 -2.71 19.27 9.06
C ASN B 49 -3.98 19.80 8.41
N HIS B 50 -3.91 20.99 7.84
CA HIS B 50 -5.05 21.58 7.13
C HIS B 50 -5.25 21.02 5.72
N LYS B 51 -4.35 20.12 5.29
CA LYS B 51 -4.44 19.47 3.98
C LYS B 51 -4.53 20.45 2.81
N THR B 52 -3.65 21.44 2.77
CA THR B 52 -3.72 22.48 1.75
C THR B 52 -2.42 22.68 0.95
N SER B 53 -1.42 21.83 1.17
CA SER B 53 -0.07 22.19 0.72
C SER B 53 0.38 21.59 -0.59
N LYS B 54 -0.48 20.86 -1.29
CA LYS B 54 -0.05 20.33 -2.60
C LYS B 54 0.22 21.46 -3.58
N ARG B 55 1.40 21.42 -4.22
CA ARG B 55 1.76 22.35 -5.30
C ARG B 55 2.34 21.52 -6.43
N LYS B 56 2.10 21.91 -7.66
CA LYS B 56 2.59 21.13 -8.81
C LYS B 56 3.09 22.00 -9.93
N THR B 57 4.11 21.52 -10.65
CA THR B 57 4.51 22.17 -11.89
C THR B 57 3.63 21.68 -13.04
N LYS B 58 3.86 22.25 -14.22
CA LYS B 58 3.33 21.69 -15.45
C LYS B 58 4.00 20.35 -15.77
N ILE B 59 3.36 19.60 -16.66
CA ILE B 59 3.96 18.40 -17.21
C ILE B 59 4.95 18.79 -18.31
N SER B 60 6.13 18.19 -18.29
CA SER B 60 7.06 18.33 -19.41
C SER B 60 7.08 16.99 -20.14
N ARG B 61 6.77 17.00 -21.44
CA ARG B 61 6.46 15.73 -22.11
C ARG B 61 7.67 15.04 -22.75
N LYS B 62 7.68 13.71 -22.66
CA LYS B 62 8.69 12.83 -23.27
C LYS B 62 10.14 13.31 -23.06
N THR B 63 10.53 13.40 -21.81
CA THR B 63 11.89 13.82 -21.47
C THR B 63 12.33 13.27 -20.12
N ARG B 64 13.61 12.88 -20.04
CA ARG B 64 14.23 12.46 -18.79
C ARG B 64 15.00 13.63 -18.18
N ASN B 65 14.99 14.77 -18.88
CA ASN B 65 15.73 15.95 -18.48
C ASN B 65 14.90 17.22 -18.62
N PRO B 66 13.76 17.30 -17.90
CA PRO B 66 12.86 18.45 -18.06
C PRO B 66 13.41 19.75 -17.48
N THR B 67 13.09 20.86 -18.15
CA THR B 67 13.29 22.20 -17.59
C THR B 67 11.91 22.75 -17.24
N PHE B 68 11.75 23.25 -16.02
CA PHE B 68 10.46 23.79 -15.60
C PHE B 68 10.51 25.30 -15.45
N ASN B 69 11.56 25.77 -14.76
CA ASN B 69 11.66 27.15 -14.36
C ASN B 69 10.32 27.67 -13.81
N GLU B 70 9.76 26.89 -12.90
CA GLU B 70 8.47 27.22 -12.30
C GLU B 70 8.60 27.48 -10.83
N MET B 71 7.91 28.52 -10.36
CA MET B 71 7.97 28.89 -8.97
C MET B 71 6.74 28.36 -8.21
N LEU B 72 6.99 27.54 -7.20
CA LEU B 72 5.94 27.08 -6.31
C LEU B 72 5.95 27.98 -5.08
N VAL B 73 4.77 28.41 -4.66
CA VAL B 73 4.64 29.41 -3.62
C VAL B 73 3.89 28.90 -2.40
N TYR B 74 4.45 29.10 -1.22
CA TYR B 74 3.79 28.77 0.02
C TYR B 74 3.62 30.01 0.88
N SER B 75 2.38 30.50 0.97
CA SER B 75 2.06 31.72 1.71
C SER B 75 1.52 31.45 3.11
N GLY B 76 1.80 32.38 4.02
CA GLY B 76 1.17 32.41 5.32
C GLY B 76 1.88 31.58 6.38
N TYR B 77 3.15 31.27 6.15
CA TYR B 77 3.96 30.52 7.12
C TYR B 77 5.04 31.41 7.72
N SER B 78 5.12 31.42 9.04
CA SER B 78 6.26 32.03 9.74
C SER B 78 7.50 31.17 9.57
N LYS B 79 8.67 31.76 9.75
CA LYS B 79 9.91 30.98 9.77
C LYS B 79 9.88 29.97 10.92
N GLU B 80 9.32 30.37 12.05
CA GLU B 80 9.22 29.47 13.20
C GLU B 80 8.46 28.20 12.82
N THR B 81 7.33 28.36 12.13
CA THR B 81 6.56 27.21 11.68
C THR B 81 7.32 26.40 10.61
N LEU B 82 8.00 27.10 9.70
CA LEU B 82 8.72 26.42 8.63
C LEU B 82 9.83 25.53 9.18
N ARG B 83 10.43 25.96 10.29
CA ARG B 83 11.50 25.16 10.90
C ARG B 83 10.94 23.85 11.46
N GLN B 84 9.61 23.75 11.53
CA GLN B 84 8.94 22.54 11.98
C GLN B 84 8.31 21.77 10.81
N ARG B 85 8.73 22.11 9.59
CA ARG B 85 8.17 21.48 8.40
C ARG B 85 9.26 20.89 7.52
N GLU B 86 8.91 19.90 6.73
CA GLU B 86 9.82 19.45 5.68
C GLU B 86 9.14 19.57 4.33
N LEU B 87 9.94 19.87 3.32
CA LEU B 87 9.47 19.96 1.96
C LEU B 87 9.63 18.59 1.34
N GLN B 88 8.51 17.95 0.99
CA GLN B 88 8.57 16.67 0.35
C GLN B 88 8.32 16.86 -1.13
N LEU B 89 9.32 16.52 -1.93
CA LEU B 89 9.26 16.73 -3.37
C LEU B 89 9.18 15.38 -4.08
N SER B 90 8.20 15.24 -4.97
CA SER B 90 8.03 14.02 -5.75
C SER B 90 8.11 14.36 -7.24
N VAL B 91 8.77 13.51 -8.00
CA VAL B 91 8.74 13.63 -9.45
C VAL B 91 7.98 12.42 -9.98
N LEU B 92 6.93 12.68 -10.76
CA LEU B 92 6.11 11.61 -11.30
C LEU B 92 5.96 11.75 -12.79
N SER B 93 5.70 10.64 -13.47
CA SER B 93 5.37 10.72 -14.88
C SER B 93 3.85 10.70 -15.06
N ALA B 94 3.34 11.73 -15.73
CA ALA B 94 1.93 11.77 -16.05
C ALA B 94 1.64 10.81 -17.19
N GLU B 95 0.73 9.88 -16.95
CA GLU B 95 0.41 8.85 -17.95
C GLU B 95 -1.08 8.88 -18.27
N SER B 96 -1.43 8.73 -19.54
CA SER B 96 -2.83 8.82 -19.93
C SER B 96 -3.50 7.46 -19.96
N LEU B 97 -2.71 6.40 -20.16
CA LEU B 97 -3.26 5.07 -20.41
C LEU B 97 -2.90 4.07 -19.33
N ARG B 98 -2.13 4.54 -18.35
CA ARG B 98 -1.79 3.72 -17.19
C ARG B 98 -1.62 4.65 -16.00
N GLU B 99 -1.29 4.08 -14.85
CA GLU B 99 -1.13 4.88 -13.63
C GLU B 99 0.06 5.83 -13.74
N ASN B 100 -0.07 7.02 -13.16
CA ASN B 100 1.10 7.88 -13.00
C ASN B 100 2.12 7.10 -12.19
N PHE B 101 3.40 7.30 -12.47
CA PHE B 101 4.50 6.48 -11.97
CA PHE B 101 4.37 6.53 -11.74
C PHE B 101 5.53 7.36 -11.24
N PHE B 102 5.97 6.94 -10.06
CA PHE B 102 6.93 7.68 -9.25
C PHE B 102 8.33 7.52 -9.82
N LEU B 103 8.96 8.65 -10.15
CA LEU B 103 10.30 8.65 -10.74
C LEU B 103 11.40 8.88 -9.70
N GLY B 104 11.07 9.57 -8.62
CA GLY B 104 12.01 9.77 -7.54
C GLY B 104 11.61 10.96 -6.68
N GLY B 105 12.18 11.03 -5.49
CA GLY B 105 11.82 12.11 -4.60
C GLY B 105 12.95 12.52 -3.68
N VAL B 106 12.75 13.63 -2.98
CA VAL B 106 13.68 14.08 -1.97
C VAL B 106 12.88 14.81 -0.89
N THR B 107 13.31 14.69 0.36
CA THR B 107 12.67 15.41 1.44
C THR B 107 13.68 16.34 2.11
N LEU B 108 13.31 17.60 2.29
CA LEU B 108 14.22 18.62 2.80
C LEU B 108 13.67 19.32 4.03
N PRO B 109 14.21 19.03 5.22
CA PRO B 109 13.82 19.77 6.42
C PRO B 109 14.16 21.25 6.25
N LEU B 110 13.20 22.12 6.45
CA LEU B 110 13.43 23.53 6.17
C LEU B 110 14.27 24.20 7.25
N LYS B 111 14.42 23.51 8.38
CA LYS B 111 15.31 23.96 9.45
C LYS B 111 16.77 24.05 8.99
N ASP B 112 17.10 23.33 7.92
CA ASP B 112 18.48 23.30 7.43
C ASP B 112 18.85 24.51 6.57
N PHE B 113 17.88 25.38 6.31
CA PHE B 113 18.09 26.50 5.39
C PHE B 113 18.30 27.83 6.10
N ASN B 114 19.20 28.64 5.57
CA ASN B 114 19.28 30.03 5.98
C ASN B 114 18.20 30.78 5.21
N LEU B 115 17.06 31.02 5.86
CA LEU B 115 15.89 31.56 5.17
C LEU B 115 15.97 33.06 4.93
N SER B 116 17.06 33.69 5.33
CA SER B 116 17.31 35.07 4.94
C SER B 116 18.05 35.13 3.59
N LYS B 117 18.55 33.99 3.13
CA LYS B 117 19.27 33.92 1.86
C LYS B 117 18.50 33.15 0.78
N GLU B 118 18.98 33.22 -0.45
CA GLU B 118 18.49 32.36 -1.53
C GLU B 118 19.46 31.19 -1.70
N THR B 119 18.96 30.00 -1.45
CA THR B 119 19.80 28.81 -1.51
C THR B 119 19.56 28.05 -2.80
N VAL B 120 20.60 27.98 -3.64
CA VAL B 120 20.48 27.32 -4.94
C VAL B 120 21.37 26.11 -4.99
N LYS B 121 20.79 24.93 -5.19
CA LYS B 121 21.61 23.73 -5.33
C LYS B 121 20.89 22.52 -5.89
N TRP B 122 21.70 21.50 -6.17
CA TRP B 122 21.23 20.23 -6.71
C TRP B 122 20.95 19.26 -5.59
N TYR B 123 19.87 18.49 -5.74
CA TYR B 123 19.50 17.44 -4.79
C TYR B 123 19.36 16.11 -5.52
N GLN B 124 19.96 15.07 -4.96
CA GLN B 124 19.83 13.74 -5.55
C GLN B 124 18.44 13.17 -5.25
N LEU B 125 17.77 12.63 -6.26
CA LEU B 125 16.46 12.03 -6.07
C LEU B 125 16.62 10.60 -5.56
N THR B 126 15.67 10.17 -4.74
CA THR B 126 15.70 8.84 -4.13
C THR B 126 14.32 8.18 -4.15
N ALA B 127 14.18 7.09 -3.40
CA ALA B 127 12.93 6.34 -3.41
C ALA B 127 12.13 6.54 -2.12
N ALA B 128 10.93 5.94 -2.09
CA ALA B 128 10.11 5.87 -0.86
C ALA B 128 9.91 7.24 -0.20
N ILE C 4 -21.72 -0.40 1.41
CA ILE C 4 -21.32 0.77 2.18
C ILE C 4 -20.57 1.75 1.27
N GLY C 5 -19.76 1.23 0.35
CA GLY C 5 -18.95 2.07 -0.53
C GLY C 5 -19.80 2.92 -1.46
N GLY C 6 -21.03 2.48 -1.71
CA GLY C 6 -21.88 3.13 -2.69
C GLY C 6 -22.24 2.10 -3.73
N ALA C 7 -22.91 2.53 -4.79
CA ALA C 7 -23.23 1.62 -5.87
C ALA C 7 -23.15 2.35 -7.21
N VAL C 8 -22.80 1.62 -8.26
CA VAL C 8 -22.66 2.25 -9.57
C VAL C 8 -23.55 1.53 -10.58
N LYS C 9 -24.25 2.29 -11.41
CA LYS C 9 -25.08 1.69 -12.44
C LYS C 9 -24.34 1.70 -13.77
N LEU C 10 -24.16 0.52 -14.36
CA LEU C 10 -23.48 0.40 -15.65
C LEU C 10 -24.37 -0.28 -16.68
N SER C 11 -24.23 0.15 -17.93
CA SER C 11 -24.78 -0.61 -19.04
C SER C 11 -23.61 -1.16 -19.86
N ILE C 12 -23.59 -2.46 -20.09
CA ILE C 12 -22.45 -3.12 -20.70
C ILE C 12 -22.89 -3.91 -21.92
N SER C 13 -22.26 -3.64 -23.05
CA SER C 13 -22.63 -4.30 -24.28
C SER C 13 -21.44 -4.38 -25.21
N TYR C 14 -21.60 -5.13 -26.30
CA TYR C 14 -20.51 -5.40 -27.22
C TYR C 14 -21.08 -5.51 -28.62
N ARG C 15 -20.55 -4.75 -29.58
CA ARG C 15 -20.95 -4.79 -31.00
C ARG C 15 -19.74 -4.51 -31.89
N ASN C 16 -19.65 -5.20 -33.02
CA ASN C 16 -18.64 -4.90 -34.05
C ASN C 16 -17.23 -4.81 -33.47
N GLY C 17 -16.87 -5.79 -32.65
CA GLY C 17 -15.55 -5.84 -32.06
C GLY C 17 -15.28 -4.82 -30.94
N THR C 18 -16.30 -4.11 -30.48
CA THR C 18 -16.08 -3.04 -29.51
C THR C 18 -16.87 -3.25 -28.22
N LEU C 19 -16.21 -3.05 -27.08
CA LEU C 19 -16.88 -3.18 -25.80
C LEU C 19 -17.29 -1.80 -25.30
N PHE C 20 -18.56 -1.64 -24.99
CA PHE C 20 -19.10 -0.36 -24.56
C PHE C 20 -19.51 -0.42 -23.09
N ILE C 21 -18.88 0.42 -22.27
CA ILE C 21 -19.26 0.54 -20.87
C ILE C 21 -19.89 1.91 -20.60
N MET C 22 -21.21 1.95 -20.47
CA MET C 22 -21.87 3.21 -20.14
CA MET C 22 -21.90 3.20 -20.15
C MET C 22 -21.95 3.40 -18.64
N VAL C 23 -21.21 4.39 -18.14
CA VAL C 23 -21.23 4.73 -16.73
C VAL C 23 -22.40 5.67 -16.52
N MET C 24 -23.46 5.19 -15.88
CA MET C 24 -24.68 5.97 -15.80
C MET C 24 -24.64 6.92 -14.61
N HIS C 25 -24.81 6.38 -13.40
CA HIS C 25 -24.65 7.21 -12.22
C HIS C 25 -24.29 6.39 -11.00
N ILE C 26 -23.98 7.09 -9.91
CA ILE C 26 -23.52 6.47 -8.69
C ILE C 26 -24.35 7.00 -7.52
N LYS C 27 -24.65 6.13 -6.57
CA LYS C 27 -25.36 6.51 -5.35
C LYS C 27 -24.54 6.27 -4.11
N ASP C 28 -24.69 7.16 -3.12
CA ASP C 28 -24.23 6.93 -1.75
C ASP C 28 -22.74 6.73 -1.57
N LEU C 29 -21.91 7.50 -2.28
CA LEU C 29 -20.46 7.43 -2.04
C LEU C 29 -20.11 7.79 -0.60
N VAL C 30 -19.14 7.08 -0.05
CA VAL C 30 -18.56 7.46 1.24
C VAL C 30 -17.67 8.66 1.01
N THR C 31 -17.22 9.31 2.08
CA THR C 31 -16.39 10.49 1.93
C THR C 31 -15.07 10.34 2.63
N GLU C 32 -14.14 11.25 2.32
CA GLU C 32 -12.88 11.34 3.03
C GLU C 32 -13.09 12.20 4.27
N ASP C 33 -13.36 11.57 5.40
CA ASP C 33 -13.55 12.28 6.68
C ASP C 33 -14.63 13.36 6.55
N GLY C 34 -15.72 13.02 5.88
CA GLY C 34 -16.85 13.94 5.76
C GLY C 34 -16.73 15.03 4.69
N ALA C 35 -15.61 15.08 3.98
CA ALA C 35 -15.41 16.10 2.95
C ALA C 35 -16.22 15.81 1.69
N ASP C 36 -16.74 16.86 1.03
CA ASP C 36 -17.44 16.70 -0.25
C ASP C 36 -16.48 16.13 -1.28
N PRO C 37 -16.79 14.95 -1.83
CA PRO C 37 -15.87 14.41 -2.83
C PRO C 37 -16.08 15.00 -4.23
N ASN C 38 -15.07 14.83 -5.10
CA ASN C 38 -15.19 15.22 -6.50
C ASN C 38 -14.99 13.97 -7.38
N PRO C 39 -16.01 13.11 -7.43
CA PRO C 39 -15.80 11.77 -7.99
C PRO C 39 -15.58 11.73 -9.50
N TYR C 40 -14.69 10.84 -9.92
CA TYR C 40 -14.59 10.41 -11.30
C TYR C 40 -14.43 8.89 -11.29
N VAL C 41 -14.78 8.26 -12.40
CA VAL C 41 -14.67 6.83 -12.53
C VAL C 41 -13.51 6.50 -13.45
N LYS C 42 -12.70 5.54 -13.06
CA LYS C 42 -11.59 5.07 -13.85
C LYS C 42 -11.70 3.56 -14.04
N THR C 43 -11.51 3.08 -15.27
CA THR C 43 -11.56 1.64 -15.49
C THR C 43 -10.30 1.12 -16.17
N TYR C 44 -9.98 -0.16 -15.89
CA TYR C 44 -8.95 -0.89 -16.61
C TYR C 44 -9.52 -2.21 -17.08
N LEU C 45 -8.90 -2.80 -18.11
CA LEU C 45 -9.24 -4.15 -18.53
C LEU C 45 -8.03 -5.01 -18.24
N LEU C 46 -8.17 -5.91 -17.27
CA LEU C 46 -7.01 -6.64 -16.75
C LEU C 46 -7.10 -8.13 -17.03
N PRO C 47 -5.97 -8.77 -17.37
CA PRO C 47 -4.63 -8.17 -17.49
C PRO C 47 -4.50 -7.25 -18.69
N ASP C 48 -3.64 -6.24 -18.54
CA ASP C 48 -3.48 -5.18 -19.54
C ASP C 48 -2.03 -5.20 -19.98
N ASN C 49 -1.70 -6.14 -20.84
CA ASN C 49 -0.31 -6.39 -21.19
C ASN C 49 0.36 -5.20 -21.86
N HIS C 50 -0.30 -4.63 -22.86
CA HIS C 50 0.24 -3.48 -23.56
C HIS C 50 0.08 -2.18 -22.79
N LYS C 51 -0.49 -2.23 -21.60
CA LYS C 51 -0.69 -1.07 -20.72
C LYS C 51 -1.36 0.10 -21.41
N THR C 52 -2.51 -0.12 -21.98
CA THR C 52 -3.20 0.97 -22.68
C THR C 52 -4.69 1.07 -22.32
N SER C 53 -5.13 0.42 -21.26
CA SER C 53 -6.58 0.28 -21.06
C SER C 53 -7.21 1.27 -20.09
N LYS C 54 -6.46 2.25 -19.59
CA LYS C 54 -7.08 3.22 -18.70
C LYS C 54 -8.11 4.05 -19.46
N ARG C 55 -9.33 4.13 -18.91
CA ARG C 55 -10.37 5.01 -19.42
C ARG C 55 -10.89 5.76 -18.22
N LYS C 56 -11.33 7.00 -18.41
CA LYS C 56 -11.95 7.70 -17.29
C LYS C 56 -13.05 8.64 -17.72
N THR C 57 -13.98 8.89 -16.78
CA THR C 57 -15.02 9.89 -16.97
C THR C 57 -14.52 11.27 -16.62
N LYS C 58 -15.36 12.28 -16.88
CA LYS C 58 -15.17 13.59 -16.29
C LYS C 58 -15.26 13.54 -14.77
N ILE C 59 -14.79 14.61 -14.14
CA ILE C 59 -15.01 14.83 -12.72
C ILE C 59 -16.39 15.43 -12.50
N SER C 60 -17.11 14.92 -11.51
CA SER C 60 -18.35 15.55 -11.08
C SER C 60 -18.10 16.17 -9.71
N ARG C 61 -18.30 17.48 -9.58
CA ARG C 61 -17.77 18.16 -8.41
C ARG C 61 -18.75 18.23 -7.24
N LYS C 62 -18.18 18.08 -6.04
CA LYS C 62 -18.90 18.15 -4.77
C LYS C 62 -20.23 17.37 -4.74
N THR C 63 -20.13 16.05 -4.88
CA THR C 63 -21.34 15.23 -4.82
C THR C 63 -21.00 13.79 -4.42
N ARG C 64 -21.89 13.16 -3.64
CA ARG C 64 -21.74 11.75 -3.29
C ARG C 64 -22.63 10.91 -4.20
N ASN C 65 -23.34 11.60 -5.10
CA ASN C 65 -24.29 10.96 -6.00
C ASN C 65 -24.15 11.49 -7.43
N PRO C 66 -22.96 11.31 -8.03
CA PRO C 66 -22.72 11.88 -9.37
C PRO C 66 -23.51 11.18 -10.48
N THR C 67 -23.94 11.96 -11.47
CA THR C 67 -24.47 11.43 -12.74
C THR C 67 -23.41 11.67 -13.81
N PHE C 68 -23.06 10.62 -14.55
CA PHE C 68 -22.05 10.77 -15.60
C PHE C 68 -22.66 10.65 -16.99
N ASN C 69 -23.46 9.60 -17.20
CA ASN C 69 -23.93 9.25 -18.53
C ASN C 69 -22.81 9.32 -19.56
N GLU C 70 -21.69 8.72 -19.20
CA GLU C 70 -20.53 8.69 -20.09
C GLU C 70 -20.21 7.30 -20.57
N MET C 71 -19.86 7.20 -21.84
CA MET C 71 -19.53 5.92 -22.42
C MET C 71 -18.03 5.73 -22.52
N LEU C 72 -17.52 4.68 -21.88
CA LEU C 72 -16.14 4.28 -22.03
C LEU C 72 -16.06 3.19 -23.07
N VAL C 73 -15.10 3.33 -23.98
CA VAL C 73 -15.02 2.45 -25.14
C VAL C 73 -13.72 1.67 -25.16
N TYR C 74 -13.84 0.36 -25.37
CA TYR C 74 -12.68 -0.50 -25.50
C TYR C 74 -12.73 -1.13 -26.87
N SER C 75 -11.85 -0.68 -27.76
CA SER C 75 -11.83 -1.18 -29.13
C SER C 75 -10.79 -2.26 -29.37
N GLY C 76 -11.08 -3.17 -30.30
CA GLY C 76 -10.09 -4.10 -30.80
C GLY C 76 -9.95 -5.39 -29.99
N TYR C 77 -10.99 -5.73 -29.24
CA TYR C 77 -10.99 -6.96 -28.45
C TYR C 77 -12.02 -7.94 -28.98
N SER C 78 -11.62 -9.20 -29.12
CA SER C 78 -12.56 -10.26 -29.46
C SER C 78 -13.31 -10.71 -28.20
N LYS C 79 -14.43 -11.39 -28.39
CA LYS C 79 -15.16 -11.93 -27.25
C LYS C 79 -14.28 -12.94 -26.50
N GLU C 80 -13.46 -13.69 -27.23
CA GLU C 80 -12.64 -14.72 -26.58
C GLU C 80 -11.58 -14.09 -25.67
N THR C 81 -11.04 -12.94 -26.09
CA THR C 81 -10.10 -12.24 -25.24
C THR C 81 -10.81 -11.62 -24.03
N LEU C 82 -12.01 -11.07 -24.24
CA LEU C 82 -12.73 -10.43 -23.15
C LEU C 82 -13.11 -11.42 -22.07
N ARG C 83 -13.40 -12.65 -22.46
CA ARG C 83 -13.72 -13.68 -21.48
C ARG C 83 -12.53 -13.98 -20.58
N GLN C 84 -11.35 -13.54 -20.98
CA GLN C 84 -10.15 -13.69 -20.17
C GLN C 84 -9.78 -12.38 -19.51
N ARG C 85 -10.70 -11.42 -19.48
CA ARG C 85 -10.41 -10.11 -18.91
C ARG C 85 -11.39 -9.78 -17.80
N GLU C 86 -10.98 -8.94 -16.88
CA GLU C 86 -11.93 -8.41 -15.91
C GLU C 86 -11.88 -6.90 -15.96
N LEU C 87 -13.04 -6.30 -15.85
CA LEU C 87 -13.18 -4.85 -15.80
C LEU C 87 -12.98 -4.40 -14.36
N GLN C 88 -11.90 -3.66 -14.13
CA GLN C 88 -11.64 -3.10 -12.82
C GLN C 88 -12.09 -1.66 -12.80
N LEU C 89 -13.10 -1.36 -11.99
CA LEU C 89 -13.66 -0.02 -11.94
C LEU C 89 -13.30 0.62 -10.60
N SER C 90 -12.76 1.83 -10.64
CA SER C 90 -12.40 2.58 -9.43
C SER C 90 -13.15 3.92 -9.42
N VAL C 91 -13.57 4.34 -8.24
CA VAL C 91 -14.13 5.68 -8.09
C VAL C 91 -13.22 6.46 -7.17
N LEU C 92 -12.74 7.61 -7.63
CA LEU C 92 -11.82 8.41 -6.83
C LEU C 92 -12.31 9.83 -6.72
N SER C 93 -11.91 10.54 -5.66
CA SER C 93 -12.16 11.97 -5.59
C SER C 93 -10.96 12.73 -6.12
N ALA C 94 -11.19 13.60 -7.10
CA ALA C 94 -10.12 14.46 -7.61
C ALA C 94 -9.88 15.55 -6.59
N GLU C 95 -8.64 15.68 -6.13
CA GLU C 95 -8.32 16.68 -5.11
C GLU C 95 -7.19 17.59 -5.59
N SER C 96 -7.32 18.88 -5.36
CA SER C 96 -6.34 19.82 -5.91
C SER C 96 -5.26 20.16 -4.90
N LEU C 97 -5.56 20.01 -3.61
CA LEU C 97 -4.61 20.42 -2.58
C LEU C 97 -4.12 19.24 -1.72
N ARG C 98 -4.57 18.04 -2.07
CA ARG C 98 -4.09 16.82 -1.42
C ARG C 98 -4.19 15.69 -2.42
N GLU C 99 -3.79 14.49 -2.02
CA GLU C 99 -3.83 13.35 -2.92
C GLU C 99 -5.27 12.98 -3.30
N ASN C 100 -5.46 12.58 -4.55
CA ASN C 100 -6.74 12.00 -4.96
C ASN C 100 -7.03 10.84 -4.02
N PHE C 101 -8.30 10.61 -3.71
CA PHE C 101 -8.68 9.69 -2.65
C PHE C 101 -9.57 8.59 -3.20
N PHE C 102 -9.19 7.34 -2.96
CA PHE C 102 -9.94 6.19 -3.45
C PHE C 102 -11.24 6.02 -2.65
N LEU C 103 -12.37 6.18 -3.33
CA LEU C 103 -13.67 6.08 -2.66
C LEU C 103 -14.16 4.64 -2.57
N GLY C 104 -13.97 3.88 -3.65
CA GLY C 104 -14.39 2.49 -3.68
C GLY C 104 -14.32 1.93 -5.08
N GLY C 105 -14.46 0.62 -5.21
CA GLY C 105 -14.30 0.02 -6.52
C GLY C 105 -15.01 -1.30 -6.63
N VAL C 106 -15.05 -1.81 -7.86
CA VAL C 106 -15.61 -3.14 -8.11
C VAL C 106 -14.89 -3.75 -9.30
N THR C 107 -14.65 -5.05 -9.25
CA THR C 107 -14.05 -5.76 -10.36
C THR C 107 -15.04 -6.76 -10.94
N LEU C 108 -15.23 -6.72 -12.26
CA LEU C 108 -16.23 -7.55 -12.93
C LEU C 108 -15.63 -8.45 -14.00
N PRO C 109 -15.54 -9.76 -13.74
CA PRO C 109 -15.08 -10.68 -14.79
C PRO C 109 -16.03 -10.66 -15.98
N LEU C 110 -15.51 -10.40 -17.17
CA LEU C 110 -16.39 -10.21 -18.33
C LEU C 110 -16.97 -11.51 -18.84
N LYS C 111 -16.43 -12.64 -18.37
CA LYS C 111 -16.97 -13.95 -18.77
C LYS C 111 -18.36 -14.17 -18.18
N ASP C 112 -18.74 -13.36 -17.20
CA ASP C 112 -20.06 -13.45 -16.58
C ASP C 112 -21.16 -12.81 -17.40
N PHE C 113 -20.80 -12.20 -18.53
CA PHE C 113 -21.76 -11.41 -19.29
C PHE C 113 -22.21 -12.10 -20.57
N ASN C 114 -23.50 -11.98 -20.89
CA ASN C 114 -23.99 -12.32 -22.20
C ASN C 114 -23.67 -11.16 -23.14
N LEU C 115 -22.57 -11.28 -23.88
CA LEU C 115 -22.07 -10.17 -24.68
C LEU C 115 -22.82 -9.96 -26.00
N SER C 116 -23.91 -10.70 -26.19
CA SER C 116 -24.78 -10.45 -27.33
C SER C 116 -25.95 -9.54 -26.92
N LYS C 117 -26.09 -9.28 -25.62
CA LYS C 117 -27.11 -8.35 -25.16
C LYS C 117 -26.52 -7.16 -24.41
N GLU C 118 -27.39 -6.22 -24.05
CA GLU C 118 -27.00 -5.09 -23.22
C GLU C 118 -27.40 -5.40 -21.79
N THR C 119 -26.42 -5.45 -20.91
CA THR C 119 -26.68 -5.77 -19.52
C THR C 119 -26.66 -4.49 -18.69
N VAL C 120 -27.81 -4.15 -18.11
CA VAL C 120 -27.91 -2.94 -17.28
C VAL C 120 -28.16 -3.34 -15.84
N LYS C 121 -27.26 -2.96 -14.93
CA LYS C 121 -27.55 -3.15 -13.52
C LYS C 121 -26.63 -2.41 -12.56
N TRP C 122 -26.98 -2.50 -11.29
CA TRP C 122 -26.28 -1.86 -10.20
C TRP C 122 -25.21 -2.78 -9.64
N TYR C 123 -24.05 -2.23 -9.33
CA TYR C 123 -22.98 -2.96 -8.67
C TYR C 123 -22.58 -2.27 -7.38
N GLN C 124 -22.46 -3.02 -6.31
CA GLN C 124 -21.99 -2.44 -5.06
C GLN C 124 -20.49 -2.15 -5.14
N LEU C 125 -20.11 -0.96 -4.68
CA LEU C 125 -18.71 -0.55 -4.60
C LEU C 125 -18.16 -0.96 -3.27
N THR C 126 -16.95 -1.51 -3.25
CA THR C 126 -16.37 -1.82 -1.96
C THR C 126 -15.46 -0.69 -1.51
N ALA C 127 -15.84 -0.08 -0.37
CA ALA C 127 -15.15 1.07 0.19
C ALA C 127 -13.70 0.74 0.57
N ALA C 128 -12.84 1.75 0.50
CA ALA C 128 -11.44 1.57 0.84
C ALA C 128 -11.26 1.17 2.31
N THR C 129 -12.19 1.64 3.12
CA THR C 129 -12.19 1.48 4.55
C THR C 129 -12.96 0.26 5.06
N ILE D 4 -9.68 -16.66 -5.12
CA ILE D 4 -8.29 -16.26 -4.93
C ILE D 4 -8.15 -15.25 -3.79
N GLY D 5 -7.25 -15.55 -2.85
CA GLY D 5 -6.94 -14.65 -1.75
C GLY D 5 -5.96 -15.27 -0.79
N GLY D 6 -5.63 -14.57 0.29
CA GLY D 6 -4.74 -15.12 1.30
C GLY D 6 -3.31 -14.64 1.12
N ALA D 7 -2.44 -15.07 2.03
CA ALA D 7 -1.06 -14.61 2.02
C ALA D 7 -0.12 -15.73 2.47
N VAL D 8 1.10 -15.74 1.93
CA VAL D 8 2.07 -16.77 2.28
C VAL D 8 3.29 -16.13 2.95
N LYS D 9 3.79 -16.78 4.00
CA LYS D 9 4.99 -16.35 4.68
C LYS D 9 6.18 -17.19 4.25
N LEU D 10 7.21 -16.52 3.75
CA LEU D 10 8.38 -17.20 3.24
C LEU D 10 9.65 -16.68 3.89
N SER D 11 10.65 -17.56 4.03
CA SER D 11 11.98 -17.13 4.44
C SER D 11 12.89 -17.51 3.28
N ILE D 12 13.66 -16.55 2.79
CA ILE D 12 14.47 -16.75 1.60
C ILE D 12 15.90 -16.37 1.93
N SER D 13 16.83 -17.27 1.62
CA SER D 13 18.23 -17.00 1.87
C SER D 13 19.06 -17.77 0.88
N TYR D 14 20.37 -17.54 0.93
CA TYR D 14 21.28 -18.15 -0.02
C TYR D 14 22.60 -18.40 0.69
N ARG D 15 23.11 -19.62 0.60
CA ARG D 15 24.38 -19.97 1.24
C ARG D 15 25.00 -21.10 0.44
N ASN D 16 26.32 -21.15 0.38
CA ASN D 16 27.08 -22.17 -0.35
C ASN D 16 26.51 -22.53 -1.74
N GLY D 17 26.20 -21.51 -2.54
CA GLY D 17 25.76 -21.74 -3.91
C GLY D 17 24.33 -22.28 -4.00
N THR D 18 23.60 -22.21 -2.89
CA THR D 18 22.26 -22.81 -2.84
C THR D 18 21.23 -21.80 -2.36
N LEU D 19 20.07 -21.79 -3.02
CA LEU D 19 18.97 -20.91 -2.66
C LEU D 19 17.98 -21.69 -1.81
N PHE D 20 17.63 -21.11 -0.66
CA PHE D 20 16.75 -21.77 0.30
C PHE D 20 15.46 -21.00 0.42
N ILE D 21 14.34 -21.65 0.09
CA ILE D 21 13.02 -21.07 0.22
CA ILE D 21 13.03 -21.06 0.25
C ILE D 21 12.21 -21.84 1.26
N MET D 22 12.08 -21.26 2.45
CA MET D 22 11.26 -21.88 3.48
C MET D 22 9.83 -21.41 3.36
N VAL D 23 8.94 -22.33 3.00
CA VAL D 23 7.52 -22.09 3.04
C VAL D 23 7.07 -22.30 4.46
N MET D 24 6.63 -21.23 5.11
CA MET D 24 6.34 -21.32 6.53
C MET D 24 4.87 -21.66 6.72
N HIS D 25 3.99 -20.69 6.52
CA HIS D 25 2.56 -21.04 6.52
C HIS D 25 1.78 -20.09 5.63
N ILE D 26 0.50 -20.40 5.45
CA ILE D 26 -0.38 -19.60 4.62
C ILE D 26 -1.62 -19.25 5.43
N LYS D 27 -2.16 -18.06 5.24
CA LYS D 27 -3.43 -17.75 5.90
C LYS D 27 -4.51 -17.34 4.91
N ASP D 28 -5.76 -17.62 5.28
CA ASP D 28 -6.93 -17.11 4.58
C ASP D 28 -7.05 -17.52 3.11
N LEU D 29 -6.82 -18.79 2.81
CA LEU D 29 -7.10 -19.31 1.47
C LEU D 29 -8.62 -19.32 1.26
N VAL D 30 -9.06 -19.19 0.01
CA VAL D 30 -10.49 -19.25 -0.30
C VAL D 30 -10.75 -20.18 -1.48
N THR D 31 -11.92 -20.82 -1.47
CA THR D 31 -12.36 -21.61 -2.62
C THR D 31 -13.70 -21.09 -3.14
N GLU D 32 -13.96 -21.33 -4.42
CA GLU D 32 -15.18 -20.80 -5.03
C GLU D 32 -16.44 -21.51 -4.51
N ASP D 33 -16.33 -22.79 -4.19
CA ASP D 33 -17.50 -23.55 -3.76
C ASP D 33 -17.64 -23.63 -2.24
N GLY D 34 -16.65 -23.10 -1.52
CA GLY D 34 -16.74 -23.01 -0.08
C GLY D 34 -16.24 -24.23 0.69
N ALA D 35 -15.81 -25.25 -0.04
CA ALA D 35 -15.26 -26.46 0.60
C ALA D 35 -13.76 -26.27 0.91
N ASP D 36 -13.30 -26.90 1.99
CA ASP D 36 -11.89 -26.82 2.40
C ASP D 36 -10.95 -27.41 1.35
N PRO D 37 -9.95 -26.64 0.93
CA PRO D 37 -8.97 -27.17 -0.03
C PRO D 37 -7.92 -28.07 0.62
N ASN D 38 -7.06 -28.66 -0.22
CA ASN D 38 -5.93 -29.48 0.21
C ASN D 38 -4.66 -28.85 -0.36
N PRO D 39 -4.25 -27.71 0.23
CA PRO D 39 -3.18 -26.91 -0.38
C PRO D 39 -1.80 -27.54 -0.36
N TYR D 40 -1.09 -27.36 -1.46
CA TYR D 40 0.36 -27.53 -1.49
C TYR D 40 0.95 -26.35 -2.24
N VAL D 41 2.24 -26.10 -2.03
CA VAL D 41 2.91 -24.99 -2.65
C VAL D 41 3.91 -25.54 -3.66
N LYS D 42 3.93 -24.93 -4.85
CA LYS D 42 4.78 -25.34 -5.95
C LYS D 42 5.58 -24.14 -6.46
N THR D 43 6.88 -24.29 -6.66
CA THR D 43 7.67 -23.16 -7.15
C THR D 43 8.46 -23.54 -8.40
N TYR D 44 8.66 -22.55 -9.27
CA TYR D 44 9.57 -22.66 -10.41
C TYR D 44 10.55 -21.50 -10.35
N LEU D 45 11.70 -21.66 -10.99
CA LEU D 45 12.62 -20.54 -11.24
C LEU D 45 12.57 -20.25 -12.72
N LEU D 46 12.06 -19.08 -13.10
CA LEU D 46 11.81 -18.76 -14.51
C LEU D 46 12.72 -17.63 -15.00
N PRO D 47 13.22 -17.73 -16.25
CA PRO D 47 13.02 -18.82 -17.21
C PRO D 47 13.78 -20.09 -16.83
N ASP D 48 13.27 -21.23 -17.29
CA ASP D 48 13.77 -22.54 -16.92
C ASP D 48 14.28 -23.26 -18.18
N ASN D 49 15.53 -22.96 -18.57
CA ASN D 49 16.11 -23.51 -19.81
C ASN D 49 15.97 -25.02 -19.93
N HIS D 50 16.37 -25.74 -18.89
CA HIS D 50 16.41 -27.20 -18.90
C HIS D 50 15.12 -27.87 -18.41
N LYS D 51 14.15 -27.05 -18.00
CA LYS D 51 12.89 -27.55 -17.44
C LYS D 51 13.12 -28.49 -16.26
N THR D 52 13.83 -28.00 -15.25
CA THR D 52 14.20 -28.84 -14.11
C THR D 52 13.86 -28.19 -12.76
N SER D 53 13.14 -27.07 -12.77
CA SER D 53 13.08 -26.26 -11.55
C SER D 53 11.82 -26.44 -10.71
N LYS D 54 10.95 -27.40 -11.04
CA LYS D 54 9.77 -27.59 -10.20
C LYS D 54 10.14 -28.09 -8.80
N ARG D 55 9.68 -27.41 -7.76
CA ARG D 55 9.81 -27.89 -6.39
C ARG D 55 8.43 -27.82 -5.76
N LYS D 56 8.12 -28.73 -4.85
CA LYS D 56 6.86 -28.56 -4.12
C LYS D 56 6.87 -29.13 -2.72
N THR D 57 5.95 -28.61 -1.90
CA THR D 57 5.76 -29.08 -0.54
C THR D 57 4.85 -30.29 -0.48
N LYS D 58 4.70 -30.85 0.72
CA LYS D 58 3.65 -31.81 1.00
C LYS D 58 2.28 -31.16 0.85
N ILE D 59 1.26 -31.99 0.69
CA ILE D 59 -0.13 -31.52 0.76
C ILE D 59 -0.52 -31.35 2.22
N SER D 60 -1.13 -30.20 2.54
CA SER D 60 -1.76 -30.03 3.84
C SER D 60 -3.27 -30.21 3.68
N ARG D 61 -3.85 -31.19 4.35
CA ARG D 61 -5.21 -31.56 3.98
C ARG D 61 -6.30 -30.79 4.74
N LYS D 62 -7.38 -30.47 4.02
CA LYS D 62 -8.60 -29.89 4.57
C LYS D 62 -8.35 -28.64 5.43
N THR D 63 -7.76 -27.61 4.84
CA THR D 63 -7.45 -26.40 5.60
C THR D 63 -7.28 -25.20 4.68
N ARG D 64 -7.71 -24.03 5.18
CA ARG D 64 -7.49 -22.76 4.49
C ARG D 64 -6.30 -22.03 5.10
N ASN D 65 -5.70 -22.64 6.11
CA ASN D 65 -4.61 -22.04 6.86
C ASN D 65 -3.50 -23.04 7.15
N PRO D 66 -2.87 -23.57 6.10
CA PRO D 66 -1.84 -24.61 6.30
C PRO D 66 -0.53 -24.11 6.89
N THR D 67 0.06 -24.91 7.75
CA THR D 67 1.46 -24.73 8.12
C THR D 67 2.28 -25.80 7.43
N PHE D 68 3.36 -25.40 6.77
CA PHE D 68 4.21 -26.36 6.08
C PHE D 68 5.55 -26.54 6.74
N ASN D 69 6.18 -25.40 7.04
CA ASN D 69 7.56 -25.37 7.54
C ASN D 69 8.44 -26.31 6.72
N GLU D 70 8.34 -26.14 5.41
CA GLU D 70 9.15 -26.94 4.50
C GLU D 70 10.12 -26.09 3.72
N MET D 71 11.29 -26.64 3.48
CA MET D 71 12.34 -25.95 2.75
C MET D 71 12.43 -26.45 1.32
N LEU D 72 12.27 -25.54 0.36
CA LEU D 72 12.45 -25.88 -1.03
C LEU D 72 13.87 -25.44 -1.39
N VAL D 73 14.61 -26.31 -2.08
CA VAL D 73 16.03 -26.06 -2.29
C VAL D 73 16.37 -25.97 -3.78
N TYR D 74 17.12 -24.94 -4.16
CA TYR D 74 17.65 -24.81 -5.52
C TYR D 74 19.17 -24.80 -5.49
N SER D 75 19.79 -25.89 -5.93
CA SER D 75 21.26 -26.00 -5.89
C SER D 75 21.91 -25.67 -7.23
N GLY D 76 23.17 -25.21 -7.18
CA GLY D 76 23.96 -25.07 -8.39
C GLY D 76 23.81 -23.74 -9.11
N TYR D 77 23.07 -22.82 -8.49
CA TYR D 77 22.86 -21.49 -9.07
C TYR D 77 23.75 -20.45 -8.42
N SER D 78 24.44 -19.67 -9.24
CA SER D 78 25.14 -18.47 -8.77
C SER D 78 24.14 -17.35 -8.51
N LYS D 79 24.51 -16.39 -7.65
CA LYS D 79 23.66 -15.21 -7.45
C LYS D 79 23.45 -14.46 -8.76
N GLU D 80 24.47 -14.38 -9.60
CA GLU D 80 24.35 -13.62 -10.84
C GLU D 80 23.28 -14.24 -11.73
N THR D 81 23.21 -15.57 -11.75
CA THR D 81 22.16 -16.24 -12.50
C THR D 81 20.78 -16.02 -11.86
N LEU D 82 20.72 -16.15 -10.54
CA LEU D 82 19.45 -15.97 -9.82
C LEU D 82 18.88 -14.57 -10.03
N ARG D 83 19.74 -13.56 -10.14
CA ARG D 83 19.23 -12.20 -10.35
C ARG D 83 18.65 -12.04 -11.76
N GLN D 84 18.83 -13.05 -12.61
CA GLN D 84 18.18 -13.08 -13.93
C GLN D 84 16.99 -14.05 -13.93
N ARG D 85 16.51 -14.42 -12.75
CA ARG D 85 15.37 -15.32 -12.60
C ARG D 85 14.28 -14.71 -11.73
N GLU D 86 13.07 -15.22 -11.88
CA GLU D 86 12.01 -14.90 -10.93
C GLU D 86 11.50 -16.20 -10.32
N LEU D 87 11.13 -16.12 -9.04
CA LEU D 87 10.51 -17.24 -8.35
C LEU D 87 9.01 -17.18 -8.56
N GLN D 88 8.47 -18.16 -9.27
CA GLN D 88 7.02 -18.25 -9.48
C GLN D 88 6.44 -19.23 -8.47
N LEU D 89 5.68 -18.70 -7.52
CA LEU D 89 5.06 -19.52 -6.47
C LEU D 89 3.57 -19.71 -6.75
N SER D 90 3.12 -20.96 -6.74
CA SER D 90 1.69 -21.30 -6.90
C SER D 90 1.18 -22.09 -5.70
N VAL D 91 -0.02 -21.76 -5.24
CA VAL D 91 -0.69 -22.58 -4.26
C VAL D 91 -1.83 -23.29 -4.99
N LEU D 92 -1.87 -24.62 -4.89
CA LEU D 92 -2.92 -25.40 -5.53
C LEU D 92 -3.58 -26.33 -4.53
N SER D 93 -4.83 -26.71 -4.81
CA SER D 93 -5.47 -27.75 -4.01
C SER D 93 -5.30 -29.09 -4.70
N ALA D 94 -4.81 -30.07 -3.94
CA ALA D 94 -4.72 -31.44 -4.42
C ALA D 94 -6.11 -32.07 -4.38
N GLU D 95 -6.61 -32.48 -5.54
CA GLU D 95 -7.94 -33.07 -5.62
C GLU D 95 -7.88 -34.45 -6.26
N SER D 96 -8.61 -35.41 -5.71
CA SER D 96 -8.53 -36.77 -6.20
C SER D 96 -9.62 -37.07 -7.24
N LEU D 97 -10.68 -36.27 -7.25
CA LEU D 97 -11.83 -36.56 -8.13
C LEU D 97 -12.10 -35.47 -9.16
N ARG D 98 -11.27 -34.42 -9.13
CA ARG D 98 -11.37 -33.34 -10.09
C ARG D 98 -9.96 -32.78 -10.30
N GLU D 99 -9.80 -31.84 -11.22
CA GLU D 99 -8.48 -31.26 -11.45
C GLU D 99 -7.95 -30.53 -10.23
N ASN D 100 -6.64 -30.66 -9.97
CA ASN D 100 -6.01 -29.81 -8.97
C ASN D 100 -6.31 -28.38 -9.38
N PHE D 101 -6.63 -27.50 -8.46
CA PHE D 101 -6.93 -26.15 -8.93
C PHE D 101 -6.18 -25.08 -8.15
N PHE D 102 -6.11 -23.92 -8.79
CA PHE D 102 -5.24 -22.82 -8.39
C PHE D 102 -5.92 -22.03 -7.29
N LEU D 103 -5.21 -21.82 -6.19
CA LEU D 103 -5.73 -21.05 -5.07
C LEU D 103 -5.11 -19.66 -4.99
N GLY D 104 -4.02 -19.44 -5.72
CA GLY D 104 -3.37 -18.13 -5.68
C GLY D 104 -1.86 -18.28 -5.84
N GLY D 105 -1.22 -17.21 -6.28
CA GLY D 105 0.21 -17.25 -6.49
C GLY D 105 0.88 -15.91 -6.35
N VAL D 106 2.21 -15.93 -6.47
CA VAL D 106 2.99 -14.70 -6.42
C VAL D 106 4.26 -14.97 -7.19
N THR D 107 4.72 -13.95 -7.93
CA THR D 107 5.96 -14.06 -8.67
C THR D 107 6.92 -13.03 -8.13
N LEU D 108 8.12 -13.48 -7.76
CA LEU D 108 9.10 -12.64 -7.08
C LEU D 108 10.43 -12.60 -7.84
N PRO D 109 10.75 -11.44 -8.44
CA PRO D 109 12.07 -11.27 -9.07
C PRO D 109 13.15 -11.39 -8.01
N LEU D 110 14.08 -12.30 -8.21
CA LEU D 110 15.07 -12.59 -7.17
C LEU D 110 16.06 -11.45 -6.97
N LYS D 111 16.21 -10.60 -7.98
CA LYS D 111 17.14 -9.47 -7.88
CA LYS D 111 17.13 -9.47 -7.89
C LYS D 111 16.70 -8.48 -6.79
N ASP D 112 15.43 -8.54 -6.40
CA ASP D 112 14.90 -7.62 -5.38
C ASP D 112 15.31 -8.02 -3.97
N PHE D 113 15.92 -9.19 -3.84
CA PHE D 113 16.36 -9.67 -2.53
C PHE D 113 17.81 -9.34 -2.24
N ASN D 114 18.06 -9.10 -0.96
CA ASN D 114 19.41 -9.11 -0.43
C ASN D 114 19.74 -10.57 -0.13
N LEU D 115 20.43 -11.24 -1.04
CA LEU D 115 20.73 -12.64 -0.84
C LEU D 115 21.95 -12.86 0.07
N SER D 116 22.42 -11.79 0.71
CA SER D 116 23.46 -11.93 1.72
C SER D 116 22.87 -12.03 3.13
N LYS D 117 21.54 -11.96 3.23
CA LYS D 117 20.86 -12.10 4.52
C LYS D 117 19.65 -12.98 4.33
N GLU D 118 18.93 -13.24 5.43
CA GLU D 118 17.69 -14.02 5.37
C GLU D 118 16.53 -13.06 5.38
N THR D 119 15.67 -13.15 4.36
CA THR D 119 14.52 -12.26 4.28
C THR D 119 13.26 -13.04 4.64
N VAL D 120 12.61 -12.63 5.72
CA VAL D 120 11.37 -13.26 6.14
C VAL D 120 10.26 -12.26 5.90
N LYS D 121 9.22 -12.68 5.18
CA LYS D 121 8.25 -11.72 4.66
C LYS D 121 6.92 -12.39 4.29
N TRP D 122 5.83 -11.65 4.43
CA TRP D 122 4.51 -12.08 3.98
C TRP D 122 4.25 -11.56 2.57
N TYR D 123 3.69 -12.41 1.71
CA TYR D 123 3.34 -12.00 0.36
C TYR D 123 1.86 -12.25 0.07
N GLN D 124 1.19 -11.27 -0.53
CA GLN D 124 -0.19 -11.44 -0.93
C GLN D 124 -0.33 -12.35 -2.16
N LEU D 125 -1.25 -13.30 -2.09
CA LEU D 125 -1.52 -14.19 -3.21
C LEU D 125 -2.49 -13.55 -4.21
N THR D 126 -2.21 -13.67 -5.50
CA THR D 126 -3.06 -13.10 -6.54
C THR D 126 -3.35 -14.10 -7.65
N ALA D 127 -4.12 -13.69 -8.64
CA ALA D 127 -4.52 -14.58 -9.74
C ALA D 127 -3.42 -14.74 -10.78
N ALA D 128 -3.81 -15.13 -12.00
CA ALA D 128 -2.88 -15.38 -13.10
C ALA D 128 -1.91 -14.21 -13.34
N THR D 129 -2.31 -13.01 -12.96
CA THR D 129 -1.51 -11.79 -13.10
C THR D 129 -0.08 -11.96 -12.58
#